data_8K6T
#
_entry.id   8K6T
#
_cell.length_a   44.335
_cell.length_b   44.335
_cell.length_c   181.092
_cell.angle_alpha   90.00
_cell.angle_beta   90.00
_cell.angle_gamma   90.00
#
_symmetry.space_group_name_H-M   'P 43 2 2'
#
loop_
_entity.id
_entity.type
_entity.pdbx_description
1 polymer FctB3
2 non-polymer GLYCEROL
3 water water
#
_entity_poly.entity_id   1
_entity_poly.type   'polypeptide(L)'
_entity_poly.pdbx_seq_one_letter_code
;MRGSHHHHHHGSKDSTVQTSISVENVLERAGDSTPFSIALESIDAMKTIEEITIAGSGKASFSPLTFTTVGQYTYRVYQK
PSQNKDYQADTTVFDVLVYVTYDEDGTLVAKVISRRAGDEEKSAITFKPKWLVKPIPPRQPNIPKTPLPLA
;
_entity_poly.pdbx_strand_id   A
#
loop_
_chem_comp.id
_chem_comp.type
_chem_comp.name
_chem_comp.formula
GOL non-polymer GLYCEROL 'C3 H8 O3'
#
# COMPACT_ATOMS: atom_id res chain seq x y z
N SER A 15 25.26 -9.36 -3.77
CA SER A 15 25.70 -8.68 -2.55
C SER A 15 24.57 -7.86 -1.92
N THR A 16 23.85 -7.08 -2.74
CA THR A 16 22.81 -6.20 -2.24
C THR A 16 21.77 -5.99 -3.34
N VAL A 17 20.50 -5.96 -2.94
CA VAL A 17 19.41 -5.66 -3.86
C VAL A 17 18.46 -4.67 -3.20
N GLN A 18 17.86 -3.80 -4.02
CA GLN A 18 16.93 -2.78 -3.56
C GLN A 18 15.63 -2.90 -4.32
N THR A 19 14.56 -2.44 -3.68
CA THR A 19 13.25 -2.41 -4.34
C THR A 19 12.37 -1.36 -3.68
N SER A 20 11.53 -0.73 -4.49
CA SER A 20 10.61 0.29 -4.03
C SER A 20 9.18 -0.22 -4.16
N ILE A 21 8.34 0.15 -3.20
CA ILE A 21 6.93 -0.22 -3.20
C ILE A 21 6.13 1.02 -3.54
N SER A 22 5.30 0.93 -4.57
CA SER A 22 4.53 2.07 -5.04
C SER A 22 3.07 1.93 -4.63
N VAL A 23 2.47 3.05 -4.26
CA VAL A 23 1.10 3.11 -3.79
C VAL A 23 0.35 4.13 -4.63
N GLU A 24 -0.93 3.86 -4.89
CA GLU A 24 -1.81 4.74 -5.64
C GLU A 24 -3.03 5.06 -4.80
N ASN A 25 -3.44 6.33 -4.81
CA ASN A 25 -4.66 6.79 -4.15
C ASN A 25 -5.58 7.38 -5.21
N VAL A 26 -6.85 6.99 -5.17
CA VAL A 26 -7.84 7.43 -6.15
C VAL A 26 -8.99 8.09 -5.39
N LEU A 27 -9.18 9.38 -5.62
CA LEU A 27 -10.33 10.09 -5.10
C LEU A 27 -11.40 10.19 -6.18
N GLU A 28 -12.67 10.19 -5.75
CA GLU A 28 -13.79 10.20 -6.69
C GLU A 28 -13.91 11.56 -7.37
N ARG A 29 -13.84 12.64 -6.60
CA ARG A 29 -14.03 13.98 -7.13
C ARG A 29 -12.67 14.52 -7.60
N ALA A 30 -12.55 14.75 -8.90
CA ALA A 30 -11.30 15.29 -9.43
C ALA A 30 -11.11 16.72 -8.95
N GLY A 31 -9.86 17.09 -8.68
CA GLY A 31 -9.56 18.37 -8.08
C GLY A 31 -9.60 18.39 -6.56
N ASP A 32 -10.06 17.31 -5.94
CA ASP A 32 -9.96 17.15 -4.49
C ASP A 32 -8.53 16.77 -4.14
N SER A 33 -7.89 17.54 -3.25
CA SER A 33 -6.51 17.29 -2.85
C SER A 33 -6.42 16.82 -1.39
N THR A 34 -7.49 16.21 -0.88
CA THR A 34 -7.50 15.75 0.50
C THR A 34 -6.37 14.76 0.73
N PRO A 35 -5.54 14.96 1.75
CA PRO A 35 -4.41 14.05 1.98
C PRO A 35 -4.81 12.75 2.66
N PHE A 36 -4.08 11.70 2.34
CA PHE A 36 -4.24 10.39 2.97
C PHE A 36 -2.86 9.78 3.22
N SER A 37 -2.76 9.00 4.28
CA SER A 37 -1.50 8.42 4.71
C SER A 37 -1.51 6.90 4.51
N ILE A 38 -0.41 6.39 3.97
CA ILE A 38 -0.24 4.97 3.70
C ILE A 38 0.90 4.45 4.56
N ALA A 39 0.63 3.39 5.33
CA ALA A 39 1.61 2.82 6.25
C ALA A 39 2.19 1.55 5.65
N LEU A 40 3.51 1.43 5.72
CA LEU A 40 4.22 0.20 5.35
C LEU A 40 4.78 -0.40 6.62
N GLU A 41 4.33 -1.62 6.95
CA GLU A 41 4.77 -2.28 8.17
C GLU A 41 5.43 -3.62 7.83
N SER A 42 6.49 -3.93 8.58
CA SER A 42 7.24 -5.16 8.40
C SER A 42 6.67 -6.25 9.30
N ILE A 43 6.21 -7.34 8.68
CA ILE A 43 5.67 -8.46 9.45
C ILE A 43 6.80 -9.23 10.12
N ASP A 44 7.94 -9.35 9.43
CA ASP A 44 9.10 -10.03 10.02
C ASP A 44 9.60 -9.30 11.26
N ALA A 45 9.70 -7.98 11.19
CA ALA A 45 10.20 -7.20 12.33
C ALA A 45 9.10 -6.81 13.30
N MET A 46 7.83 -6.90 12.89
CA MET A 46 6.70 -6.51 13.72
C MET A 46 6.76 -5.03 14.10
N LYS A 47 7.05 -4.19 13.11
CA LYS A 47 7.22 -2.77 13.34
C LYS A 47 6.82 -2.00 12.08
N THR A 48 6.44 -0.73 12.28
CA THR A 48 6.05 0.13 11.17
C THR A 48 7.30 0.69 10.51
N ILE A 49 7.44 0.47 9.21
CA ILE A 49 8.67 0.87 8.53
C ILE A 49 8.63 2.34 8.14
N GLU A 50 7.51 2.78 7.57
CA GLU A 50 7.42 4.11 6.98
C GLU A 50 5.96 4.44 6.71
N GLU A 51 5.65 5.74 6.75
CA GLU A 51 4.35 6.27 6.35
C GLU A 51 4.58 7.35 5.31
N ILE A 52 3.80 7.32 4.23
CA ILE A 52 3.85 8.34 3.20
C ILE A 52 2.47 8.99 3.09
N THR A 53 2.40 10.08 2.32
CA THR A 53 1.17 10.84 2.15
C THR A 53 0.95 11.11 0.67
N ILE A 54 -0.32 11.06 0.25
CA ILE A 54 -0.72 11.42 -1.10
C ILE A 54 -1.84 12.44 -0.99
N ALA A 55 -1.67 13.60 -1.64
CA ALA A 55 -2.69 14.64 -1.64
C ALA A 55 -3.64 14.38 -2.81
N GLY A 56 -4.87 13.99 -2.49
CA GLY A 56 -5.85 13.73 -3.55
C GLY A 56 -5.54 12.43 -4.27
N SER A 57 -5.67 12.46 -5.59
CA SER A 57 -5.33 11.31 -6.42
C SER A 57 -3.89 11.42 -6.89
N GLY A 58 -3.17 10.30 -6.83
CA GLY A 58 -1.78 10.29 -7.21
C GLY A 58 -1.12 9.00 -6.80
N LYS A 59 0.17 8.94 -7.13
CA LYS A 59 1.03 7.80 -6.81
C LYS A 59 2.17 8.27 -5.93
N ALA A 60 2.69 7.36 -5.11
CA ALA A 60 3.86 7.65 -4.29
C ALA A 60 4.61 6.35 -4.04
N SER A 61 5.79 6.46 -3.46
CA SER A 61 6.61 5.30 -3.15
C SER A 61 7.17 5.43 -1.75
N PHE A 62 7.29 4.30 -1.06
CA PHE A 62 8.07 4.25 0.16
C PHE A 62 9.56 4.28 -0.19
N SER A 63 10.38 4.69 0.78
CA SER A 63 11.82 4.68 0.58
C SER A 63 12.28 3.26 0.24
N PRO A 64 13.31 3.13 -0.60
CA PRO A 64 13.73 1.78 -1.03
C PRO A 64 14.12 0.90 0.15
N LEU A 65 13.85 -0.39 -0.01
CA LEU A 65 14.18 -1.40 0.98
C LEU A 65 15.40 -2.18 0.49
N THR A 66 16.40 -2.31 1.36
CA THR A 66 17.62 -3.04 1.03
C THR A 66 17.55 -4.45 1.57
N PHE A 67 18.04 -5.40 0.77
CA PHE A 67 18.14 -6.80 1.19
C PHE A 67 19.53 -7.32 0.87
N THR A 68 20.15 -8.01 1.83
CA THR A 68 21.47 -8.58 1.61
C THR A 68 21.51 -10.10 1.77
N THR A 69 20.39 -10.75 2.09
CA THR A 69 20.36 -12.19 2.32
C THR A 69 19.13 -12.79 1.67
N VAL A 70 19.29 -13.99 1.11
CA VAL A 70 18.17 -14.68 0.50
C VAL A 70 17.11 -14.98 1.55
N GLY A 71 15.87 -15.01 1.10
CA GLY A 71 14.74 -15.28 1.98
C GLY A 71 13.48 -14.68 1.38
N GLN A 72 12.39 -14.84 2.11
CA GLN A 72 11.11 -14.24 1.78
C GLN A 72 10.76 -13.25 2.88
N TYR A 73 10.53 -11.99 2.49
CA TYR A 73 10.27 -10.92 3.44
C TYR A 73 8.83 -10.44 3.25
N THR A 74 8.11 -10.30 4.36
CA THR A 74 6.68 -10.06 4.35
C THR A 74 6.38 -8.67 4.90
N TYR A 75 5.51 -7.93 4.21
CA TYR A 75 5.10 -6.60 4.60
C TYR A 75 3.60 -6.46 4.45
N ARG A 76 3.03 -5.48 5.14
CA ARG A 76 1.64 -5.09 4.93
C ARG A 76 1.55 -3.60 4.65
N VAL A 77 0.60 -3.24 3.79
CA VAL A 77 0.37 -1.86 3.40
C VAL A 77 -1.10 -1.57 3.59
N TYR A 78 -1.39 -0.50 4.32
CA TYR A 78 -2.78 -0.13 4.59
C TYR A 78 -2.87 1.39 4.67
N GLN A 79 -4.09 1.89 4.51
CA GLN A 79 -4.36 3.32 4.58
C GLN A 79 -4.76 3.69 6.01
N LYS A 80 -4.10 4.69 6.56
CA LYS A 80 -4.45 5.19 7.89
C LYS A 80 -5.84 5.84 7.85
N PRO A 81 -6.51 5.93 9.00
CA PRO A 81 -7.83 6.59 9.03
C PRO A 81 -7.75 8.01 8.51
N SER A 82 -8.87 8.46 7.93
CA SER A 82 -8.89 9.73 7.23
C SER A 82 -9.05 10.89 8.22
N GLN A 83 -8.15 11.86 8.15
CA GLN A 83 -8.24 13.00 9.05
C GLN A 83 -9.40 13.92 8.67
N ASN A 84 -9.80 13.93 7.41
CA ASN A 84 -10.97 14.68 6.97
C ASN A 84 -12.21 13.86 7.29
N LYS A 85 -13.00 14.32 8.26
CA LYS A 85 -14.17 13.58 8.71
C LYS A 85 -15.22 13.42 7.61
N ASP A 86 -15.11 14.16 6.52
CA ASP A 86 -16.00 13.99 5.38
C ASP A 86 -15.63 12.80 4.50
N TYR A 87 -14.47 12.18 4.73
CA TYR A 87 -14.04 11.04 3.95
C TYR A 87 -13.94 9.82 4.83
N GLN A 88 -14.06 8.65 4.19
CA GLN A 88 -13.87 7.36 4.84
C GLN A 88 -12.71 6.66 4.15
N ALA A 89 -11.65 6.39 4.89
CA ALA A 89 -10.45 5.80 4.29
C ALA A 89 -10.73 4.38 3.79
N ASP A 90 -10.04 4.02 2.72
CA ASP A 90 -10.10 2.66 2.19
C ASP A 90 -9.60 1.67 3.23
N THR A 91 -10.43 0.67 3.53
CA THR A 91 -10.09 -0.32 4.55
C THR A 91 -9.36 -1.54 3.98
N THR A 92 -9.09 -1.56 2.68
CA THR A 92 -8.38 -2.68 2.07
C THR A 92 -6.95 -2.74 2.59
N VAL A 93 -6.50 -3.94 2.93
CA VAL A 93 -5.14 -4.21 3.38
C VAL A 93 -4.43 -5.01 2.29
N PHE A 94 -3.17 -4.68 2.05
CA PHE A 94 -2.38 -5.34 1.01
C PHE A 94 -1.20 -6.06 1.65
N ASP A 95 -0.98 -7.31 1.23
CA ASP A 95 0.25 -8.01 1.55
C ASP A 95 1.28 -7.76 0.46
N VAL A 96 2.51 -7.50 0.86
CA VAL A 96 3.63 -7.39 -0.07
C VAL A 96 4.66 -8.43 0.35
N LEU A 97 5.01 -9.32 -0.57
CA LEU A 97 6.04 -10.32 -0.36
C LEU A 97 7.23 -10.04 -1.27
N VAL A 98 8.42 -10.04 -0.69
CA VAL A 98 9.67 -9.83 -1.42
C VAL A 98 10.45 -11.13 -1.41
N TYR A 99 10.69 -11.69 -2.59
CA TYR A 99 11.48 -12.91 -2.73
C TYR A 99 12.89 -12.52 -3.17
N VAL A 100 13.84 -12.58 -2.24
CA VAL A 100 15.23 -12.27 -2.52
C VAL A 100 15.96 -13.57 -2.85
N THR A 101 16.51 -13.65 -4.06
CA THR A 101 17.15 -14.86 -4.56
C THR A 101 18.40 -14.51 -5.34
N TYR A 102 19.20 -15.55 -5.62
CA TYR A 102 20.26 -15.47 -6.61
C TYR A 102 19.76 -16.02 -7.93
N ASP A 103 20.50 -15.72 -9.00
CA ASP A 103 20.17 -16.23 -10.32
C ASP A 103 21.44 -16.85 -10.92
N GLU A 104 21.42 -17.05 -12.24
CA GLU A 104 22.51 -17.79 -12.89
C GLU A 104 23.85 -17.09 -12.74
N ASP A 105 23.85 -15.75 -12.76
CA ASP A 105 25.10 -14.99 -12.64
C ASP A 105 25.57 -14.86 -11.19
N GLY A 106 24.82 -15.39 -10.23
CA GLY A 106 25.19 -15.27 -8.83
C GLY A 106 25.01 -13.88 -8.27
N THR A 107 23.94 -13.19 -8.65
CA THR A 107 23.67 -11.84 -8.20
C THR A 107 22.33 -11.81 -7.46
N LEU A 108 22.28 -11.03 -6.38
CA LEU A 108 21.10 -10.96 -5.56
C LEU A 108 19.97 -10.26 -6.33
N VAL A 109 18.81 -10.90 -6.38
CA VAL A 109 17.66 -10.42 -7.15
C VAL A 109 16.44 -10.43 -6.25
N ALA A 110 15.59 -9.40 -6.39
CA ALA A 110 14.35 -9.31 -5.63
C ALA A 110 13.16 -9.44 -6.58
N LYS A 111 12.07 -10.03 -6.07
CA LYS A 111 10.84 -10.18 -6.82
C LYS A 111 9.70 -9.81 -5.88
N VAL A 112 8.98 -8.73 -6.21
CA VAL A 112 7.98 -8.16 -5.33
C VAL A 112 6.59 -8.54 -5.83
N ILE A 113 5.79 -9.11 -4.94
CA ILE A 113 4.42 -9.51 -5.26
C ILE A 113 3.50 -8.88 -4.23
N SER A 114 2.56 -8.07 -4.70
CA SER A 114 1.53 -7.48 -3.86
C SER A 114 0.20 -8.17 -4.16
N ARG A 115 -0.64 -8.27 -3.14
CA ARG A 115 -1.95 -8.88 -3.28
C ARG A 115 -2.85 -8.36 -2.17
N ARG A 116 -4.14 -8.49 -2.38
CA ARG A 116 -5.10 -8.10 -1.35
C ARG A 116 -5.06 -9.12 -0.22
N ALA A 117 -5.06 -8.64 1.03
CA ALA A 117 -4.86 -9.54 2.16
C ALA A 117 -6.02 -10.51 2.39
N GLY A 118 -7.18 -10.27 1.77
CA GLY A 118 -8.29 -11.17 1.94
C GLY A 118 -8.36 -12.25 0.87
N ASP A 119 -8.86 -11.88 -0.32
CA ASP A 119 -8.95 -12.81 -1.44
C ASP A 119 -7.59 -13.32 -1.89
N GLU A 120 -6.53 -12.55 -1.62
CA GLU A 120 -5.16 -12.94 -1.91
C GLU A 120 -4.86 -13.05 -3.40
N GLU A 121 -5.62 -12.35 -4.25
CA GLU A 121 -5.31 -12.24 -5.66
C GLU A 121 -4.31 -11.11 -5.91
N LYS A 122 -3.41 -11.35 -6.87
CA LYS A 122 -2.42 -10.34 -7.23
C LYS A 122 -3.12 -9.04 -7.62
N SER A 123 -2.67 -7.93 -7.03
CA SER A 123 -3.26 -6.63 -7.33
C SER A 123 -2.26 -5.54 -7.00
N ALA A 124 -2.32 -4.46 -7.75
CA ALA A 124 -1.54 -3.29 -7.39
C ALA A 124 -2.11 -2.64 -6.14
N ILE A 125 -1.26 -1.91 -5.43
CA ILE A 125 -1.65 -1.27 -4.18
C ILE A 125 -2.40 0.02 -4.51
N THR A 126 -3.73 -0.05 -4.59
CA THR A 126 -4.56 1.11 -4.92
C THR A 126 -5.62 1.29 -3.85
N PHE A 127 -5.69 2.49 -3.28
CA PHE A 127 -6.67 2.83 -2.26
C PHE A 127 -7.69 3.79 -2.85
N LYS A 128 -8.95 3.61 -2.47
CA LYS A 128 -10.06 4.42 -2.97
C LYS A 128 -10.91 4.86 -1.78
N PRO A 129 -10.52 5.93 -1.10
CA PRO A 129 -11.32 6.42 0.03
C PRO A 129 -12.70 6.88 -0.45
N LYS A 130 -13.67 6.81 0.45
CA LYS A 130 -15.06 7.05 0.11
C LYS A 130 -15.52 8.42 0.60
N TRP A 131 -16.05 9.21 -0.33
CA TRP A 131 -16.77 10.44 0.00
C TRP A 131 -18.02 10.10 0.79
N LEU A 132 -18.19 10.74 1.95
CA LEU A 132 -19.32 10.42 2.82
C LEU A 132 -20.53 11.30 2.57
N VAL A 133 -20.40 12.42 1.86
CA VAL A 133 -21.53 13.31 1.62
C VAL A 133 -22.39 12.76 0.48
N LYS A 134 -23.11 11.67 0.75
CA LYS A 134 -23.89 10.94 -0.24
C LYS A 134 -25.35 10.85 0.21
N PRO A 135 -26.27 10.59 -0.73
CA PRO A 135 -27.67 10.36 -0.34
C PRO A 135 -27.81 9.31 0.76
N ILE A 136 -28.68 9.60 1.72
CA ILE A 136 -28.91 8.70 2.85
C ILE A 136 -29.61 7.44 2.34
N PRO A 137 -29.14 6.25 2.71
CA PRO A 137 -29.87 5.02 2.35
C PRO A 137 -31.28 5.07 2.90
N PRO A 138 -32.28 5.09 2.02
CA PRO A 138 -33.64 5.44 2.45
C PRO A 138 -34.31 4.30 3.21
N ARG A 139 -35.43 4.65 3.85
CA ARG A 139 -36.38 3.69 4.38
C ARG A 139 -37.74 4.14 3.86
N GLN A 140 -38.18 3.51 2.77
CA GLN A 140 -39.30 4.01 1.99
C GLN A 140 -40.64 3.80 2.71
N PRO A 141 -41.73 4.35 2.18
CA PRO A 141 -43.08 4.24 2.74
C PRO A 141 -43.75 2.90 2.43
C1 GOL B . 4.52 -3.87 -7.29
O1 GOL B . 4.75 -5.13 -6.74
C2 GOL B . 3.71 -3.07 -6.25
O2 GOL B . 4.54 -2.32 -5.42
C3 GOL B . 2.74 -2.18 -7.10
O3 GOL B . 1.81 -1.59 -6.23
C1 GOL C . 6.37 7.14 -6.92
O1 GOL C . 5.98 6.77 -8.21
C2 GOL C . 7.32 8.37 -7.05
O2 GOL C . 8.36 8.15 -7.94
C3 GOL C . 7.83 8.64 -5.61
O3 GOL C . 6.79 9.29 -4.93
C1 GOL D . -7.78 20.34 2.78
O1 GOL D . -6.87 21.32 3.19
C2 GOL D . -8.13 20.62 1.29
O2 GOL D . -7.13 20.19 0.43
C3 GOL D . -9.49 19.91 1.04
O3 GOL D . -9.33 18.59 1.47
#